data_5DEW
#
_entry.id   5DEW
#
_cell.length_a   62.556
_cell.length_b   81.053
_cell.length_c   66.499
_cell.angle_alpha   90.00
_cell.angle_beta   106.39
_cell.angle_gamma   90.00
#
_symmetry.space_group_name_H-M   'P 1 21 1'
#
loop_
_entity.id
_entity.type
_entity.pdbx_description
1 polymer 'Serine/threonine-protein kinase PAK 1'
2 non-polymer 8-[(trans-4-aminocyclohexyl)methyl]-6-[2-chloro-4-(6-methylpyrazin-2-yl)phenyl]-2-(ethylamino)pyrido[2,3-d]pyrimidin-7(8H)-one
3 water water
#
_entity_poly.entity_id   1
_entity_poly.type   'polypeptide(L)'
_entity_poly.pdbx_seq_one_letter_code
;SDEEILEKLRSIVSVGDPKKKYTRFEKIGQGASGTVYTAMDVATGQEVAIKQMNLQQQPKKELIINEILVMRENKNPNIV
NYLDSYLVGDELWVVMEYLAGGSLTDVVTETCMDEGQIAAVCRECLQALEFLHSNQVIHRNIKSDNILLGMDGSVKLTDF
GFCAQITPEQSKRSEMVGTPYWMAPEVVTRKAYGPKVDIWSLGIMAIEMIEGEPPYLNENPLRALYLIATNGTPELQNPE
KLSAIFRDFLNRCLEMDVEKRGSAKELLQHQFLKIAKPLSSLTPLIAAAKEATKNNH
;
_entity_poly.pdbx_strand_id   A,B
#
# COMPACT_ATOMS: atom_id res chain seq x y z
N ASP A 2 2.43 4.44 -17.94
CA ASP A 2 2.33 5.27 -19.13
C ASP A 2 2.16 6.75 -18.80
N GLU A 3 2.62 7.59 -19.71
CA GLU A 3 2.33 9.01 -19.65
C GLU A 3 0.99 9.23 -20.33
N GLU A 4 0.54 8.22 -21.08
CA GLU A 4 -0.76 8.29 -21.74
C GLU A 4 -1.90 8.15 -20.74
N ILE A 5 -1.72 7.27 -19.76
CA ILE A 5 -2.75 7.10 -18.75
C ILE A 5 -2.82 8.35 -17.87
N LEU A 6 -1.69 9.03 -17.67
CA LEU A 6 -1.72 10.27 -16.90
C LEU A 6 -2.45 11.35 -17.69
N GLU A 7 -2.19 11.45 -18.99
CA GLU A 7 -2.83 12.51 -19.76
C GLU A 7 -4.35 12.29 -19.84
N LYS A 8 -4.77 11.04 -19.81
CA LYS A 8 -6.19 10.71 -19.80
C LYS A 8 -6.80 11.16 -18.47
N LEU A 9 -6.04 10.99 -17.40
CA LEU A 9 -6.52 11.41 -16.08
C LEU A 9 -6.66 12.93 -16.02
N ARG A 10 -5.63 13.62 -16.48
CA ARG A 10 -5.66 15.09 -16.52
C ARG A 10 -6.82 15.62 -17.37
N SER A 11 -7.10 14.96 -18.48
CA SER A 11 -8.13 15.47 -19.39
C SER A 11 -9.55 15.54 -18.76
N ILE A 12 -9.83 14.71 -17.76
CA ILE A 12 -11.18 14.69 -17.20
C ILE A 12 -11.30 15.60 -15.99
N VAL A 13 -10.24 16.35 -15.70
CA VAL A 13 -10.25 17.31 -14.58
C VAL A 13 -10.01 18.75 -15.05
N SER A 14 -10.80 19.68 -14.54
CA SER A 14 -10.61 21.08 -14.89
C SER A 14 -9.37 21.64 -14.22
N VAL A 15 -8.71 22.58 -14.90
CA VAL A 15 -7.62 23.35 -14.31
C VAL A 15 -8.20 24.58 -13.60
N GLY A 16 -7.84 24.74 -12.34
CA GLY A 16 -8.41 25.82 -11.53
C GLY A 16 -7.87 25.83 -10.12
N ASP A 17 -8.20 26.88 -9.38
CA ASP A 17 -7.73 27.06 -8.01
C ASP A 17 -8.83 26.75 -7.00
N PRO A 18 -8.62 25.73 -6.17
CA PRO A 18 -9.56 25.32 -5.12
C PRO A 18 -9.87 26.46 -4.15
N LYS A 19 -8.95 27.41 -4.02
CA LYS A 19 -9.12 28.47 -3.03
C LYS A 19 -10.08 29.52 -3.53
N LYS A 20 -10.49 29.43 -4.79
CA LYS A 20 -11.49 30.37 -5.29
C LYS A 20 -12.86 30.09 -4.67
N LYS A 21 -13.11 28.83 -4.34
CA LYS A 21 -14.43 28.42 -3.88
C LYS A 21 -14.40 27.95 -2.42
N TYR A 22 -13.23 27.49 -1.98
CA TYR A 22 -13.11 26.87 -0.65
C TYR A 22 -12.04 27.54 0.22
N THR A 23 -12.29 27.60 1.52
CA THR A 23 -11.32 28.15 2.47
C THR A 23 -11.27 27.34 3.77
N ARG A 24 -10.49 27.83 4.72
CA ARG A 24 -10.41 27.24 6.05
C ARG A 24 -9.95 25.78 5.98
N PHE A 25 -8.90 25.56 5.20
CA PHE A 25 -8.33 24.24 5.05
C PHE A 25 -7.69 23.79 6.36
N GLU A 26 -8.07 22.60 6.82
CA GLU A 26 -7.45 22.02 8.01
C GLU A 26 -7.14 20.55 7.78
N LYS A 27 -5.85 20.21 7.86
CA LYS A 27 -5.43 18.84 7.56
C LYS A 27 -5.88 17.84 8.61
N ILE A 28 -6.60 16.81 8.18
CA ILE A 28 -7.09 15.79 9.12
C ILE A 28 -6.49 14.42 8.87
N GLY A 29 -5.66 14.30 7.84
CA GLY A 29 -5.06 13.02 7.52
C GLY A 29 -4.01 13.14 6.43
N GLN A 30 -3.16 12.12 6.32
CA GLN A 30 -2.15 12.11 5.28
C GLN A 30 -1.63 10.70 5.01
N GLY A 31 -1.07 10.52 3.81
CA GLY A 31 -0.56 9.23 3.38
C GLY A 31 0.04 9.39 2.00
N ALA A 32 0.42 8.26 1.40
CA ALA A 32 1.01 8.29 0.05
C ALA A 32 -0.05 8.64 -0.99
N SER A 33 -1.26 8.12 -0.79
CA SER A 33 -2.37 8.41 -1.69
C SER A 33 -2.88 9.85 -1.52
N GLY A 34 -2.28 10.60 -0.60
CA GLY A 34 -2.53 12.02 -0.53
C GLY A 34 -2.82 12.60 0.85
N THR A 35 -2.98 13.91 0.89
CA THR A 35 -3.34 14.62 2.11
C THR A 35 -4.84 14.96 2.12
N VAL A 36 -5.49 14.69 3.24
CA VAL A 36 -6.93 14.97 3.38
C VAL A 36 -7.20 16.13 4.35
N TYR A 37 -7.98 17.10 3.89
CA TYR A 37 -8.36 18.29 4.64
C TYR A 37 -9.87 18.38 4.87
N THR A 38 -10.29 19.11 5.90
CA THR A 38 -11.64 19.65 5.94
C THR A 38 -11.54 21.07 5.41
N ALA A 39 -12.65 21.61 4.93
CA ALA A 39 -12.63 22.96 4.39
C ALA A 39 -14.05 23.47 4.30
N MET A 40 -14.23 24.69 3.83
CA MET A 40 -15.58 25.25 3.81
C MET A 40 -15.91 25.98 2.52
N ASP A 41 -17.11 25.75 2.01
CA ASP A 41 -17.57 26.45 0.81
C ASP A 41 -17.78 27.90 1.20
N VAL A 42 -17.12 28.81 0.48
CA VAL A 42 -17.12 30.22 0.87
C VAL A 42 -18.52 30.84 0.75
N ALA A 43 -19.28 30.40 -0.24
CA ALA A 43 -20.58 31.00 -0.53
C ALA A 43 -21.74 30.38 0.26
N THR A 44 -21.65 29.09 0.57
CA THR A 44 -22.78 28.39 1.17
C THR A 44 -22.56 27.99 2.63
N GLY A 45 -21.29 27.94 3.06
CA GLY A 45 -20.99 27.49 4.40
C GLY A 45 -20.93 25.98 4.53
N GLN A 46 -21.06 25.27 3.42
CA GLN A 46 -20.96 23.80 3.41
C GLN A 46 -19.56 23.31 3.86
N GLU A 47 -19.50 22.42 4.86
CA GLU A 47 -18.21 21.81 5.19
C GLU A 47 -17.91 20.68 4.22
N VAL A 48 -16.67 20.60 3.76
CA VAL A 48 -16.29 19.61 2.77
C VAL A 48 -15.01 18.91 3.15
N ALA A 49 -14.76 17.78 2.49
CA ALA A 49 -13.53 17.03 2.64
C ALA A 49 -12.80 17.09 1.33
N ILE A 50 -11.52 17.47 1.39
CA ILE A 50 -10.73 17.62 0.17
C ILE A 50 -9.46 16.80 0.23
N LYS A 51 -9.18 16.07 -0.85
CA LYS A 51 -7.95 15.28 -0.92
C LYS A 51 -6.97 15.94 -1.88
N GLN A 52 -5.74 16.15 -1.42
CA GLN A 52 -4.66 16.64 -2.28
C GLN A 52 -3.72 15.50 -2.63
N MET A 53 -3.46 15.34 -3.93
CA MET A 53 -2.77 14.17 -4.43
C MET A 53 -1.72 14.57 -5.46
N ASN A 54 -0.49 14.10 -5.31
CA ASN A 54 0.54 14.33 -6.34
C ASN A 54 0.45 13.26 -7.40
N LEU A 55 0.12 13.66 -8.63
CA LEU A 55 -0.22 12.71 -9.68
C LEU A 55 0.96 11.87 -10.17
N GLN A 56 2.12 12.51 -10.33
CA GLN A 56 3.31 11.84 -10.85
C GLN A 56 3.62 10.52 -10.16
N GLN A 57 3.57 10.53 -8.84
CA GLN A 57 4.00 9.37 -8.05
C GLN A 57 2.92 8.29 -7.92
N GLN A 58 1.66 8.67 -8.10
CA GLN A 58 0.54 7.74 -7.91
C GLN A 58 0.61 6.51 -8.81
N PRO A 59 0.61 5.33 -8.20
CA PRO A 59 0.52 4.07 -8.95
C PRO A 59 -0.91 3.80 -9.43
N LYS A 60 -1.06 2.97 -10.45
CA LYS A 60 -2.37 2.52 -10.92
C LYS A 60 -3.35 3.68 -11.12
N LYS A 61 -3.00 4.57 -12.03
CA LYS A 61 -3.80 5.77 -12.26
C LYS A 61 -5.18 5.43 -12.81
N GLU A 62 -5.29 4.31 -13.52
CA GLU A 62 -6.57 3.87 -14.06
C GLU A 62 -7.64 3.75 -12.97
N LEU A 63 -7.23 3.36 -11.75
CA LEU A 63 -8.16 3.25 -10.63
C LEU A 63 -8.62 4.62 -10.13
N ILE A 64 -7.79 5.64 -10.30
CA ILE A 64 -8.17 7.00 -9.94
C ILE A 64 -9.16 7.56 -10.95
N ILE A 65 -8.88 7.32 -12.23
CA ILE A 65 -9.82 7.67 -13.28
C ILE A 65 -11.17 7.00 -13.04
N ASN A 66 -11.15 5.70 -12.77
CA ASN A 66 -12.38 4.95 -12.56
C ASN A 66 -13.17 5.45 -11.34
N GLU A 67 -12.48 5.78 -10.25
CA GLU A 67 -13.20 6.24 -9.05
C GLU A 67 -13.89 7.58 -9.31
N ILE A 68 -13.17 8.51 -9.93
CA ILE A 68 -13.75 9.82 -10.25
C ILE A 68 -14.94 9.66 -11.17
N LEU A 69 -14.81 8.84 -12.21
CA LEU A 69 -15.92 8.67 -13.15
C LEU A 69 -17.16 8.08 -12.47
N VAL A 70 -16.94 7.05 -11.66
CA VAL A 70 -18.03 6.38 -10.93
C VAL A 70 -18.75 7.35 -9.98
N MET A 71 -18.02 8.18 -9.24
CA MET A 71 -18.64 9.16 -8.36
C MET A 71 -19.47 10.19 -9.09
N ARG A 72 -18.97 10.67 -10.24
CA ARG A 72 -19.65 11.75 -10.92
C ARG A 72 -21.00 11.27 -11.45
N GLU A 73 -21.11 9.99 -11.78
CA GLU A 73 -22.37 9.50 -12.38
C GLU A 73 -23.19 8.66 -11.42
N ASN A 74 -22.76 8.62 -10.16
CA ASN A 74 -23.48 7.85 -9.16
C ASN A 74 -23.64 8.66 -7.89
N LYS A 75 -24.45 9.72 -7.97
CA LYS A 75 -24.72 10.58 -6.83
C LYS A 75 -26.02 10.15 -6.15
N ASN A 76 -25.98 10.03 -4.83
CA ASN A 76 -27.07 9.41 -4.08
C ASN A 76 -27.02 9.82 -2.60
N PRO A 77 -28.18 9.93 -1.94
CA PRO A 77 -28.16 10.38 -0.53
C PRO A 77 -27.41 9.43 0.42
N ASN A 78 -27.28 8.16 0.07
CA ASN A 78 -26.56 7.20 0.92
C ASN A 78 -25.11 6.97 0.46
N ILE A 79 -24.58 7.90 -0.33
CA ILE A 79 -23.19 7.85 -0.76
C ILE A 79 -22.48 9.15 -0.38
N VAL A 80 -21.20 9.06 -0.04
CA VAL A 80 -20.41 10.25 0.23
C VAL A 80 -20.07 10.87 -1.12
N ASN A 81 -20.75 11.95 -1.44
CA ASN A 81 -20.76 12.42 -2.81
C ASN A 81 -19.64 13.36 -3.21
N TYR A 82 -19.32 13.27 -4.49
CA TYR A 82 -18.35 14.11 -5.18
C TYR A 82 -18.95 15.49 -5.42
N LEU A 83 -18.18 16.53 -5.12
CA LEU A 83 -18.63 17.91 -5.39
C LEU A 83 -17.83 18.55 -6.53
N ASP A 84 -16.51 18.39 -6.51
CA ASP A 84 -15.69 19.08 -7.50
C ASP A 84 -14.27 18.52 -7.53
N SER A 85 -13.53 18.85 -8.58
CA SER A 85 -12.12 18.49 -8.66
C SER A 85 -11.35 19.57 -9.42
N TYR A 86 -10.08 19.70 -9.08
CA TYR A 86 -9.21 20.72 -9.67
C TYR A 86 -7.84 20.15 -9.95
N LEU A 87 -7.24 20.62 -11.05
CA LEU A 87 -5.86 20.36 -11.36
C LEU A 87 -5.03 21.63 -11.10
N VAL A 88 -3.97 21.53 -10.30
CA VAL A 88 -3.01 22.63 -10.21
C VAL A 88 -1.57 22.10 -10.27
N GLY A 89 -0.92 22.28 -11.42
CA GLY A 89 0.39 21.72 -11.65
C GLY A 89 0.29 20.20 -11.67
N ASP A 90 1.14 19.54 -10.89
CA ASP A 90 1.14 18.08 -10.85
C ASP A 90 0.19 17.53 -9.79
N GLU A 91 -0.61 18.38 -9.18
CA GLU A 91 -1.45 17.86 -8.10
C GLU A 91 -2.95 17.94 -8.40
N LEU A 92 -3.62 16.86 -8.00
CA LEU A 92 -5.06 16.72 -8.14
C LEU A 92 -5.75 17.00 -6.80
N TRP A 93 -6.77 17.85 -6.83
CA TRP A 93 -7.60 18.10 -5.65
C TRP A 93 -9.01 17.60 -5.92
N VAL A 94 -9.54 16.78 -5.02
CA VAL A 94 -10.89 16.25 -5.18
C VAL A 94 -11.74 16.64 -3.97
N VAL A 95 -12.90 17.25 -4.23
CA VAL A 95 -13.79 17.74 -3.15
C VAL A 95 -15.02 16.87 -2.98
N MET A 96 -15.26 16.46 -1.74
CA MET A 96 -16.34 15.55 -1.38
C MET A 96 -17.11 16.16 -0.21
N GLU A 97 -18.36 15.73 -0.03
CA GLU A 97 -19.08 15.98 1.21
C GLU A 97 -18.25 15.53 2.41
N TYR A 98 -18.43 16.23 3.54
CA TYR A 98 -17.76 15.88 4.79
C TYR A 98 -18.78 15.40 5.81
N LEU A 99 -18.44 14.30 6.49
CA LEU A 99 -19.34 13.71 7.47
C LEU A 99 -18.69 13.79 8.83
N ALA A 100 -19.31 14.55 9.72
CA ALA A 100 -18.63 14.96 10.94
C ALA A 100 -18.78 13.93 12.05
N GLY A 101 -19.58 12.90 11.80
CA GLY A 101 -19.88 11.90 12.83
C GLY A 101 -18.90 10.74 12.89
N GLY A 102 -17.92 10.75 11.98
CA GLY A 102 -16.89 9.73 11.96
C GLY A 102 -17.29 8.45 11.23
N SER A 103 -16.45 7.43 11.33
CA SER A 103 -16.75 6.16 10.67
C SER A 103 -17.51 5.21 11.60
N LEU A 104 -18.22 4.28 10.98
CA LEU A 104 -18.89 3.21 11.71
C LEU A 104 -17.90 2.32 12.47
N THR A 105 -16.64 2.24 12.00
CA THR A 105 -15.63 1.45 12.71
C THR A 105 -15.44 1.92 14.16
N ASP A 106 -15.34 3.24 14.36
CA ASP A 106 -15.28 3.81 15.70
C ASP A 106 -16.46 3.38 16.59
N VAL A 107 -17.66 3.37 16.00
CA VAL A 107 -18.84 2.92 16.74
C VAL A 107 -18.78 1.40 17.08
N VAL A 108 -18.44 0.55 16.12
CA VAL A 108 -18.52 -0.89 16.39
C VAL A 108 -17.39 -1.36 17.32
N THR A 109 -16.28 -0.64 17.34
CA THR A 109 -15.19 -1.07 18.24
C THR A 109 -15.32 -0.47 19.66
N GLU A 110 -16.23 0.49 19.84
CA GLU A 110 -16.27 1.16 21.14
C GLU A 110 -17.64 1.20 21.80
N THR A 111 -18.63 0.61 21.15
CA THR A 111 -19.98 0.62 21.69
C THR A 111 -20.69 -0.69 21.46
N CYS A 112 -21.81 -0.83 22.13
CA CYS A 112 -22.70 -1.95 21.93
C CYS A 112 -23.95 -1.46 21.23
N MET A 113 -24.18 -1.91 20.00
CA MET A 113 -25.35 -1.48 19.25
C MET A 113 -26.50 -2.43 19.52
N ASP A 114 -27.72 -1.92 19.66
CA ASP A 114 -28.86 -2.82 19.77
C ASP A 114 -29.40 -3.15 18.39
N GLU A 115 -30.31 -4.14 18.30
CA GLU A 115 -30.78 -4.61 17.01
C GLU A 115 -31.51 -3.54 16.18
N GLY A 116 -32.21 -2.63 16.85
CA GLY A 116 -32.88 -1.54 16.15
C GLY A 116 -31.90 -0.59 15.47
N GLN A 117 -30.77 -0.33 16.14
CA GLN A 117 -29.72 0.52 15.54
C GLN A 117 -28.98 -0.19 14.41
N ILE A 118 -28.72 -1.47 14.61
CA ILE A 118 -28.10 -2.27 13.54
C ILE A 118 -29.02 -2.34 12.32
N ALA A 119 -30.31 -2.57 12.54
CA ALA A 119 -31.26 -2.64 11.44
C ALA A 119 -31.29 -1.33 10.62
N ALA A 120 -31.27 -0.19 11.32
CA ALA A 120 -31.19 1.12 10.67
C ALA A 120 -29.95 1.25 9.77
N VAL A 121 -28.78 0.95 10.30
CA VAL A 121 -27.56 1.03 9.53
C VAL A 121 -27.63 0.08 8.33
N CYS A 122 -28.12 -1.14 8.51
CA CYS A 122 -28.20 -2.10 7.39
C CYS A 122 -29.13 -1.60 6.29
N ARG A 123 -30.24 -1.01 6.71
CA ARG A 123 -31.18 -0.43 5.75
C ARG A 123 -30.57 0.66 4.89
N GLU A 124 -29.87 1.61 5.51
CA GLU A 124 -29.27 2.71 4.74
C GLU A 124 -28.20 2.17 3.81
N CYS A 125 -27.44 1.18 4.28
CA CYS A 125 -26.41 0.61 3.40
C CYS A 125 -27.01 -0.15 2.22
N LEU A 126 -28.09 -0.89 2.47
CA LEU A 126 -28.76 -1.62 1.39
C LEU A 126 -29.40 -0.67 0.39
N GLN A 127 -29.83 0.50 0.85
CA GLN A 127 -30.31 1.53 -0.08
C GLN A 127 -29.20 1.99 -1.03
N ALA A 128 -28.01 2.25 -0.51
CA ALA A 128 -26.88 2.60 -1.37
C ALA A 128 -26.55 1.47 -2.33
N LEU A 129 -26.54 0.25 -1.82
CA LEU A 129 -26.21 -0.91 -2.66
C LEU A 129 -27.24 -1.16 -3.76
N GLU A 130 -28.53 -1.00 -3.45
CA GLU A 130 -29.56 -1.12 -4.48
C GLU A 130 -29.31 -0.13 -5.61
N PHE A 131 -29.02 1.11 -5.25
CA PHE A 131 -28.75 2.16 -6.22
C PHE A 131 -27.54 1.81 -7.07
N LEU A 132 -26.44 1.44 -6.42
CA LEU A 132 -25.23 1.09 -7.13
C LEU A 132 -25.40 -0.10 -8.07
N HIS A 133 -26.00 -1.18 -7.56
CA HIS A 133 -26.15 -2.40 -8.35
C HIS A 133 -27.07 -2.19 -9.55
N SER A 134 -28.09 -1.34 -9.38
CA SER A 134 -28.99 -1.01 -10.48
C SER A 134 -28.26 -0.21 -11.56
N ASN A 135 -27.12 0.37 -11.20
CA ASN A 135 -26.29 1.06 -12.17
C ASN A 135 -25.06 0.23 -12.57
N GLN A 136 -25.13 -1.07 -12.34
CA GLN A 136 -24.04 -2.00 -12.67
C GLN A 136 -22.69 -1.65 -12.04
N VAL A 137 -22.71 -1.10 -10.83
CA VAL A 137 -21.48 -0.86 -10.09
C VAL A 137 -21.40 -1.82 -8.90
N ILE A 138 -20.30 -2.55 -8.79
CA ILE A 138 -20.04 -3.37 -7.61
C ILE A 138 -18.98 -2.68 -6.76
N HIS A 139 -19.26 -2.44 -5.48
CA HIS A 139 -18.34 -1.73 -4.61
C HIS A 139 -17.07 -2.53 -4.31
N ARG A 140 -17.28 -3.79 -3.93
CA ARG A 140 -16.24 -4.79 -3.59
C ARG A 140 -15.39 -4.51 -2.34
N ASN A 141 -15.66 -3.43 -1.61
CA ASN A 141 -14.90 -3.16 -0.39
C ASN A 141 -15.78 -2.64 0.76
N ILE A 142 -16.95 -3.25 0.91
CA ILE A 142 -17.86 -2.90 2.01
C ILE A 142 -17.24 -3.39 3.32
N LYS A 143 -17.20 -2.50 4.30
CA LYS A 143 -16.74 -2.77 5.67
C LYS A 143 -17.06 -1.52 6.48
N SER A 144 -17.06 -1.65 7.80
CA SER A 144 -17.44 -0.51 8.63
C SER A 144 -16.53 0.71 8.38
N ASP A 145 -15.30 0.49 7.95
CA ASP A 145 -14.35 1.58 7.71
C ASP A 145 -14.80 2.54 6.59
N ASN A 146 -15.69 2.04 5.74
CA ASN A 146 -16.13 2.78 4.57
C ASN A 146 -17.58 3.23 4.70
N ILE A 147 -18.10 3.16 5.93
CA ILE A 147 -19.39 3.72 6.25
C ILE A 147 -19.16 4.95 7.13
N LEU A 148 -19.58 6.13 6.67
CA LEU A 148 -19.39 7.35 7.48
C LEU A 148 -20.73 7.84 7.96
N LEU A 149 -20.72 8.57 9.07
CA LEU A 149 -21.95 8.97 9.78
C LEU A 149 -22.02 10.48 9.89
N GLY A 150 -23.20 11.04 9.66
CA GLY A 150 -23.41 12.47 9.91
C GLY A 150 -23.79 12.69 11.36
N MET A 151 -23.71 13.93 11.84
CA MET A 151 -24.03 14.20 13.24
C MET A 151 -25.51 14.04 13.53
N ASP A 152 -26.31 13.85 12.47
CA ASP A 152 -27.73 13.61 12.62
C ASP A 152 -28.04 12.13 12.43
N GLY A 153 -26.99 11.33 12.37
CA GLY A 153 -27.16 9.89 12.25
C GLY A 153 -27.32 9.40 10.82
N SER A 154 -27.14 10.29 9.85
CA SER A 154 -27.20 9.90 8.46
C SER A 154 -26.08 8.92 8.17
N VAL A 155 -26.31 8.01 7.22
CA VAL A 155 -25.39 6.92 6.95
C VAL A 155 -24.98 6.92 5.47
N LYS A 156 -23.67 7.02 5.18
CA LYS A 156 -23.23 7.08 3.76
C LYS A 156 -22.00 6.22 3.47
N LEU A 157 -21.97 5.69 2.25
CA LEU A 157 -20.89 4.83 1.82
C LEU A 157 -19.81 5.62 1.07
N THR A 158 -18.54 5.33 1.39
CA THR A 158 -17.42 5.94 0.69
C THR A 158 -16.42 4.92 0.12
N ASP A 159 -15.31 5.43 -0.42
CA ASP A 159 -14.16 4.66 -0.94
C ASP A 159 -14.52 3.76 -2.11
N PHE A 160 -14.52 4.33 -3.31
CA PHE A 160 -14.83 3.56 -4.51
C PHE A 160 -13.58 3.20 -5.31
N GLY A 161 -12.45 3.06 -4.62
CA GLY A 161 -11.20 2.79 -5.29
C GLY A 161 -11.05 1.36 -5.79
N PHE A 162 -12.01 0.51 -5.46
CA PHE A 162 -11.91 -0.92 -5.79
C PHE A 162 -13.12 -1.42 -6.54
N CYS A 163 -13.99 -0.50 -6.92
CA CYS A 163 -15.26 -0.87 -7.51
C CYS A 163 -15.07 -1.36 -8.94
N ALA A 164 -16.02 -2.16 -9.39
CA ALA A 164 -16.03 -2.66 -10.75
C ALA A 164 -17.30 -2.24 -11.46
N GLN A 165 -17.17 -1.76 -12.69
CA GLN A 165 -18.34 -1.57 -13.52
C GLN A 165 -18.51 -2.80 -14.38
N ILE A 166 -19.69 -3.40 -14.34
CA ILE A 166 -19.95 -4.57 -15.16
C ILE A 166 -20.86 -4.21 -16.33
N THR A 167 -21.01 -5.16 -17.26
CA THR A 167 -21.81 -4.97 -18.46
C THR A 167 -22.50 -6.29 -18.82
N PRO A 168 -23.57 -6.26 -19.62
CA PRO A 168 -24.11 -7.53 -20.09
C PRO A 168 -23.07 -8.41 -20.81
N GLU A 169 -22.15 -7.77 -21.54
CA GLU A 169 -21.05 -8.50 -22.19
C GLU A 169 -20.16 -9.19 -21.16
N GLN A 170 -19.78 -8.43 -20.15
CA GLN A 170 -18.89 -8.91 -19.09
C GLN A 170 -19.55 -8.58 -17.75
N SER A 171 -20.42 -9.47 -17.29
CA SER A 171 -21.27 -9.21 -16.12
C SER A 171 -20.72 -9.80 -14.84
N LYS A 172 -19.54 -10.42 -14.95
CA LYS A 172 -18.89 -11.03 -13.81
C LYS A 172 -17.41 -10.69 -13.78
N ARG A 173 -16.84 -10.70 -12.56
CA ARG A 173 -15.41 -10.54 -12.36
C ARG A 173 -14.88 -11.78 -11.65
N SER A 174 -13.56 -11.96 -11.65
CA SER A 174 -12.96 -13.17 -11.06
C SER A 174 -11.71 -12.91 -10.22
N GLU A 175 -11.31 -11.64 -10.08
CA GLU A 175 -10.09 -11.26 -9.36
C GLU A 175 -10.27 -11.02 -7.84
N MET A 176 -9.25 -11.36 -7.06
CA MET A 176 -9.25 -11.21 -5.61
C MET A 176 -9.07 -9.75 -5.23
N VAL A 177 -10.18 -9.03 -5.10
CA VAL A 177 -10.14 -7.61 -4.83
C VAL A 177 -10.98 -7.37 -3.59
N GLY A 178 -10.49 -6.52 -2.69
CA GLY A 178 -11.20 -6.26 -1.44
C GLY A 178 -10.30 -6.33 -0.21
N THR A 179 -10.93 -6.44 0.95
CA THR A 179 -10.19 -6.58 2.20
C THR A 179 -10.53 -7.95 2.76
N PRO A 180 -9.50 -8.79 3.00
CA PRO A 180 -9.65 -10.24 3.21
C PRO A 180 -10.81 -10.65 4.13
N TYR A 181 -10.88 -10.08 5.32
CA TYR A 181 -11.87 -10.54 6.30
C TYR A 181 -13.31 -10.37 5.81
N TRP A 182 -13.52 -9.43 4.89
CA TRP A 182 -14.85 -9.10 4.40
C TRP A 182 -15.20 -9.73 3.04
N MET A 183 -14.25 -10.46 2.46
CA MET A 183 -14.47 -11.02 1.12
C MET A 183 -15.35 -12.26 1.08
N ALA A 184 -16.27 -12.29 0.12
CA ALA A 184 -17.13 -13.44 -0.11
C ALA A 184 -16.28 -14.61 -0.62
N PRO A 185 -16.68 -15.84 -0.27
CA PRO A 185 -15.93 -17.05 -0.65
C PRO A 185 -15.64 -17.11 -2.15
N GLU A 186 -16.60 -16.75 -2.98
CA GLU A 186 -16.43 -16.83 -4.43
C GLU A 186 -15.39 -15.85 -4.95
N VAL A 187 -15.19 -14.73 -4.24
CA VAL A 187 -14.08 -13.83 -4.55
C VAL A 187 -12.75 -14.43 -4.13
N VAL A 188 -12.69 -14.93 -2.90
CA VAL A 188 -11.49 -15.54 -2.34
C VAL A 188 -10.98 -16.68 -3.22
N THR A 189 -11.90 -17.46 -3.76
CA THR A 189 -11.50 -18.65 -4.53
C THR A 189 -11.57 -18.44 -6.04
N ARG A 190 -11.63 -17.18 -6.45
CA ARG A 190 -11.52 -16.78 -7.85
C ARG A 190 -12.52 -17.46 -8.75
N LYS A 191 -13.78 -17.46 -8.33
CA LYS A 191 -14.87 -17.89 -9.19
C LYS A 191 -15.50 -16.65 -9.81
N ALA A 192 -16.30 -16.84 -10.85
CA ALA A 192 -16.99 -15.73 -11.49
C ALA A 192 -18.04 -15.17 -10.53
N TYR A 193 -17.93 -13.88 -10.20
CA TYR A 193 -18.83 -13.30 -9.21
C TYR A 193 -19.49 -12.01 -9.67
N GLY A 194 -20.49 -11.57 -8.91
CA GLY A 194 -21.27 -10.40 -9.25
C GLY A 194 -21.61 -9.55 -8.04
N PRO A 195 -22.63 -8.70 -8.16
CA PRO A 195 -23.01 -7.70 -7.15
C PRO A 195 -23.25 -8.28 -5.75
N LYS A 196 -23.64 -9.55 -5.67
CA LYS A 196 -23.99 -10.10 -4.36
C LYS A 196 -22.77 -10.31 -3.49
N VAL A 197 -21.56 -10.10 -4.02
CA VAL A 197 -20.41 -10.11 -3.14
C VAL A 197 -20.50 -8.93 -2.15
N ASP A 198 -21.17 -7.84 -2.54
CA ASP A 198 -21.37 -6.71 -1.62
C ASP A 198 -22.35 -7.09 -0.53
N ILE A 199 -23.30 -7.95 -0.85
CA ILE A 199 -24.28 -8.41 0.15
C ILE A 199 -23.61 -9.28 1.20
N TRP A 200 -22.67 -10.12 0.78
CA TRP A 200 -21.85 -10.89 1.71
C TRP A 200 -21.06 -9.98 2.65
N SER A 201 -20.33 -9.02 2.08
CA SER A 201 -19.53 -8.09 2.88
C SER A 201 -20.41 -7.30 3.87
N LEU A 202 -21.63 -6.97 3.45
CA LEU A 202 -22.57 -6.33 4.37
C LEU A 202 -22.91 -7.24 5.54
N GLY A 203 -23.02 -8.54 5.24
CA GLY A 203 -23.27 -9.56 6.26
C GLY A 203 -22.12 -9.61 7.25
N ILE A 204 -20.89 -9.53 6.74
CA ILE A 204 -19.73 -9.46 7.62
C ILE A 204 -19.71 -8.17 8.45
N MET A 205 -20.12 -7.06 7.85
CA MET A 205 -20.25 -5.81 8.62
C MET A 205 -21.31 -5.91 9.71
N ALA A 206 -22.35 -6.71 9.50
CA ALA A 206 -23.35 -6.86 10.56
C ALA A 206 -22.76 -7.68 11.69
N ILE A 207 -21.87 -8.62 11.35
CA ILE A 207 -21.12 -9.35 12.37
C ILE A 207 -20.20 -8.38 13.13
N GLU A 208 -19.58 -7.43 12.44
CA GLU A 208 -18.88 -6.35 13.14
C GLU A 208 -19.77 -5.65 14.17
N MET A 209 -20.99 -5.28 13.76
CA MET A 209 -21.87 -4.54 14.67
C MET A 209 -22.31 -5.42 15.86
N ILE A 210 -22.36 -6.73 15.65
CA ILE A 210 -22.71 -7.67 16.73
C ILE A 210 -21.55 -7.93 17.69
N GLU A 211 -20.39 -8.28 17.12
CA GLU A 211 -19.28 -8.82 17.90
C GLU A 211 -18.11 -7.85 18.05
N GLY A 212 -18.03 -6.85 17.17
CA GLY A 212 -16.99 -5.83 17.30
C GLY A 212 -15.91 -5.96 16.25
N GLU A 213 -15.85 -7.14 15.64
CA GLU A 213 -14.82 -7.49 14.65
C GLU A 213 -15.42 -8.42 13.60
N PRO A 214 -14.88 -8.39 12.37
CA PRO A 214 -15.27 -9.45 11.45
C PRO A 214 -14.66 -10.77 11.94
N PRO A 215 -15.15 -11.91 11.44
CA PRO A 215 -14.53 -13.20 11.79
C PRO A 215 -13.05 -13.28 11.44
N TYR A 216 -12.24 -13.88 12.32
CA TYR A 216 -10.81 -14.20 12.09
C TYR A 216 -9.86 -13.00 12.14
N LEU A 217 -10.32 -11.83 12.59
CA LEU A 217 -9.46 -10.66 12.67
C LEU A 217 -8.19 -10.91 13.49
N ASN A 218 -8.25 -11.87 14.42
CA ASN A 218 -7.06 -12.24 15.18
C ASN A 218 -6.02 -12.94 14.30
N GLU A 219 -6.46 -13.47 13.16
CA GLU A 219 -5.55 -14.14 12.23
C GLU A 219 -4.94 -13.15 11.23
N ASN A 220 -3.82 -13.54 10.63
CA ASN A 220 -3.21 -12.74 9.57
C ASN A 220 -4.08 -12.83 8.31
N PRO A 221 -4.00 -11.82 7.44
CA PRO A 221 -4.91 -11.79 6.28
C PRO A 221 -4.88 -13.07 5.43
N LEU A 222 -3.72 -13.70 5.29
CA LEU A 222 -3.62 -14.92 4.48
C LEU A 222 -4.30 -16.11 5.11
N ARG A 223 -4.14 -16.27 6.42
CA ARG A 223 -4.81 -17.34 7.13
C ARG A 223 -6.33 -17.13 7.10
N ALA A 224 -6.76 -15.86 7.18
CA ALA A 224 -8.17 -15.54 7.11
C ALA A 224 -8.78 -15.91 5.76
N LEU A 225 -8.05 -15.65 4.67
CA LEU A 225 -8.50 -16.06 3.34
C LEU A 225 -8.71 -17.58 3.27
N TYR A 226 -7.77 -18.32 3.81
CA TYR A 226 -7.88 -19.77 3.84
C TYR A 226 -9.12 -20.21 4.62
N LEU A 227 -9.31 -19.62 5.78
CA LEU A 227 -10.46 -19.95 6.62
C LEU A 227 -11.78 -19.63 5.93
N ILE A 228 -11.86 -18.50 5.24
CA ILE A 228 -13.07 -18.17 4.49
C ILE A 228 -13.34 -19.20 3.40
N ALA A 229 -12.30 -19.56 2.66
CA ALA A 229 -12.42 -20.51 1.56
C ALA A 229 -12.90 -21.88 2.06
N THR A 230 -12.37 -22.29 3.22
CA THR A 230 -12.67 -23.61 3.76
C THR A 230 -13.95 -23.67 4.62
N ASN A 231 -14.26 -22.61 5.35
CA ASN A 231 -15.46 -22.63 6.21
C ASN A 231 -16.76 -22.18 5.54
N GLY A 232 -16.66 -21.34 4.53
CA GLY A 232 -17.88 -20.74 3.98
C GLY A 232 -18.56 -19.82 4.97
N THR A 233 -19.88 -19.98 5.15
CA THR A 233 -20.63 -19.14 6.09
C THR A 233 -19.98 -19.21 7.47
N PRO A 234 -19.55 -18.04 8.00
CA PRO A 234 -18.88 -18.05 9.30
C PRO A 234 -19.87 -18.30 10.45
N GLU A 235 -19.35 -18.66 11.62
CA GLU A 235 -20.18 -18.92 12.80
C GLU A 235 -20.10 -17.76 13.78
N LEU A 236 -21.22 -17.45 14.42
CA LEU A 236 -21.26 -16.44 15.48
C LEU A 236 -20.78 -17.04 16.80
N GLN A 237 -20.16 -16.22 17.65
CA GLN A 237 -19.74 -16.70 18.95
C GLN A 237 -20.97 -17.09 19.77
N ASN A 238 -22.00 -16.23 19.73
CA ASN A 238 -23.15 -16.39 20.60
C ASN A 238 -24.46 -16.15 19.85
N PRO A 239 -24.84 -17.08 18.97
CA PRO A 239 -26.04 -16.84 18.15
C PRO A 239 -27.30 -16.79 18.99
N GLU A 240 -27.25 -17.39 20.17
CA GLU A 240 -28.35 -17.37 21.14
C GLU A 240 -28.82 -15.94 21.46
N LYS A 241 -27.90 -14.98 21.35
CA LYS A 241 -28.24 -13.62 21.76
C LYS A 241 -29.04 -12.85 20.71
N LEU A 242 -29.19 -13.41 19.52
CA LEU A 242 -29.89 -12.72 18.43
C LEU A 242 -31.33 -13.15 18.25
N SER A 243 -32.17 -12.22 17.83
CA SER A 243 -33.55 -12.54 17.51
C SER A 243 -33.63 -13.50 16.31
N ALA A 244 -34.75 -14.19 16.20
CA ALA A 244 -34.95 -15.08 15.06
C ALA A 244 -34.85 -14.31 13.74
N ILE A 245 -35.44 -13.12 13.69
CA ILE A 245 -35.45 -12.37 12.43
C ILE A 245 -34.08 -11.82 12.07
N PHE A 246 -33.28 -11.44 13.05
CA PHE A 246 -31.90 -10.99 12.79
C PHE A 246 -31.09 -12.17 12.27
N ARG A 247 -31.23 -13.34 12.91
CA ARG A 247 -30.49 -14.52 12.45
C ARG A 247 -30.85 -14.89 11.02
N ASP A 248 -32.13 -14.72 10.66
CA ASP A 248 -32.55 -15.05 9.32
C ASP A 248 -31.96 -14.05 8.33
N PHE A 249 -31.96 -12.77 8.68
CA PHE A 249 -31.33 -11.73 7.85
C PHE A 249 -29.86 -12.03 7.58
N LEU A 250 -29.11 -12.35 8.63
CA LEU A 250 -27.70 -12.71 8.49
C LEU A 250 -27.53 -13.94 7.58
N ASN A 251 -28.34 -14.96 7.81
CA ASN A 251 -28.27 -16.17 6.98
C ASN A 251 -28.48 -15.87 5.49
N ARG A 252 -29.35 -14.92 5.20
CA ARG A 252 -29.64 -14.59 3.81
C ARG A 252 -28.56 -13.71 3.16
N CYS A 253 -27.82 -12.96 3.99
CA CYS A 253 -26.66 -12.21 3.51
C CYS A 253 -25.45 -13.11 3.30
N LEU A 254 -25.29 -14.10 4.18
CA LEU A 254 -24.07 -14.91 4.19
C LEU A 254 -24.24 -16.30 3.57
N GLU A 255 -25.30 -16.44 2.79
CA GLU A 255 -25.56 -17.68 2.08
C GLU A 255 -24.45 -18.03 1.05
N MET A 256 -23.97 -19.27 1.10
CA MET A 256 -22.94 -19.77 0.17
C MET A 256 -23.41 -19.80 -1.26
N ASP A 257 -24.64 -20.23 -1.45
CA ASP A 257 -25.23 -20.31 -2.78
C ASP A 257 -25.60 -18.91 -3.25
N VAL A 258 -24.89 -18.41 -4.25
CA VAL A 258 -25.07 -17.03 -4.69
C VAL A 258 -26.50 -16.77 -5.19
N GLU A 259 -27.13 -17.81 -5.73
CA GLU A 259 -28.51 -17.68 -6.19
C GLU A 259 -29.48 -17.61 -5.02
N LYS A 260 -29.12 -18.23 -3.90
CA LYS A 260 -29.97 -18.20 -2.71
C LYS A 260 -29.74 -16.94 -1.87
N ARG A 261 -28.55 -16.35 -1.98
CA ARG A 261 -28.21 -15.13 -1.24
C ARG A 261 -29.12 -14.01 -1.70
N GLY A 262 -29.55 -13.16 -0.78
CA GLY A 262 -30.42 -12.05 -1.13
C GLY A 262 -29.75 -11.01 -2.02
N SER A 263 -30.56 -10.42 -2.90
CA SER A 263 -30.17 -9.19 -3.60
C SER A 263 -30.40 -8.00 -2.65
N ALA A 264 -29.87 -6.83 -3.01
CA ALA A 264 -30.11 -5.63 -2.21
C ALA A 264 -31.59 -5.28 -2.21
N LYS A 265 -32.22 -5.44 -3.38
CA LYS A 265 -33.63 -5.12 -3.52
C LYS A 265 -34.49 -6.00 -2.63
N GLU A 266 -34.20 -7.30 -2.59
CA GLU A 266 -35.07 -8.15 -1.80
C GLU A 266 -34.76 -8.08 -0.30
N LEU A 267 -33.52 -7.80 0.08
CA LEU A 267 -33.24 -7.68 1.53
C LEU A 267 -33.86 -6.40 2.10
N LEU A 268 -34.10 -5.42 1.24
CA LEU A 268 -34.71 -4.18 1.69
C LEU A 268 -36.14 -4.40 2.16
N GLN A 269 -36.71 -5.56 1.82
CA GLN A 269 -38.05 -5.95 2.26
C GLN A 269 -38.03 -6.93 3.44
N HIS A 270 -36.85 -7.27 3.93
CA HIS A 270 -36.73 -8.26 4.99
C HIS A 270 -37.35 -7.77 6.30
N GLN A 271 -37.92 -8.70 7.06
CA GLN A 271 -38.58 -8.35 8.33
C GLN A 271 -37.64 -7.77 9.39
N PHE A 272 -36.36 -8.09 9.34
CA PHE A 272 -35.40 -7.55 10.30
C PHE A 272 -35.35 -6.02 10.21
N LEU A 273 -35.41 -5.48 9.00
CA LEU A 273 -35.36 -4.03 8.85
C LEU A 273 -36.59 -3.31 9.37
N LYS A 274 -37.66 -4.06 9.64
CA LYS A 274 -38.90 -3.45 10.12
C LYS A 274 -38.79 -3.05 11.59
N ILE A 275 -37.74 -3.51 12.27
CA ILE A 275 -37.58 -3.10 13.66
C ILE A 275 -36.52 -2.00 13.80
N ALA A 276 -36.10 -1.43 12.67
CA ALA A 276 -35.11 -0.36 12.69
C ALA A 276 -35.59 0.83 13.52
N LYS A 277 -34.68 1.40 14.30
CA LYS A 277 -34.93 2.64 15.03
C LYS A 277 -34.67 3.85 14.13
N PRO A 278 -35.20 5.04 14.50
CA PRO A 278 -34.85 6.24 13.71
C PRO A 278 -33.36 6.48 13.70
N LEU A 279 -32.83 7.12 12.66
CA LEU A 279 -31.40 7.39 12.59
C LEU A 279 -30.89 8.29 13.73
N SER A 280 -31.76 9.12 14.30
CA SER A 280 -31.39 9.88 15.50
C SER A 280 -30.88 8.99 16.65
N SER A 281 -31.33 7.74 16.69
CA SER A 281 -30.83 6.77 17.68
C SER A 281 -29.33 6.51 17.62
N LEU A 282 -28.68 6.85 16.51
CA LEU A 282 -27.23 6.63 16.39
C LEU A 282 -26.38 7.74 16.99
N THR A 283 -26.95 8.92 17.23
CA THR A 283 -26.11 10.00 17.72
C THR A 283 -25.53 9.74 19.13
N PRO A 284 -26.25 9.02 20.02
CA PRO A 284 -25.53 8.70 21.26
C PRO A 284 -24.36 7.75 21.06
N LEU A 285 -24.43 6.83 20.11
CA LEU A 285 -23.30 5.99 19.73
C LEU A 285 -22.13 6.82 19.19
N ILE A 286 -22.44 7.80 18.35
CA ILE A 286 -21.41 8.70 17.84
C ILE A 286 -20.74 9.48 18.98
N ALA A 287 -21.53 9.99 19.91
CA ALA A 287 -20.97 10.67 21.08
C ALA A 287 -20.07 9.73 21.91
N ALA A 288 -20.52 8.48 22.11
CA ALA A 288 -19.71 7.48 22.82
C ALA A 288 -18.39 7.18 22.11
N ALA A 289 -18.47 6.94 20.80
CA ALA A 289 -17.29 6.66 20.00
C ALA A 289 -16.26 7.81 20.06
N LYS A 290 -16.73 9.06 19.99
CA LYS A 290 -15.81 10.20 20.08
C LYS A 290 -15.10 10.31 21.43
N GLU A 291 -15.87 10.07 22.49
CA GLU A 291 -15.31 10.05 23.84
C GLU A 291 -14.27 8.95 24.01
N ALA A 292 -14.55 7.78 23.45
CA ALA A 292 -13.68 6.63 23.60
C ALA A 292 -12.35 6.87 22.88
N THR A 293 -12.41 7.59 21.77
CA THR A 293 -11.23 7.77 20.94
C THR A 293 -10.60 9.14 21.09
N LYS A 294 -10.75 9.74 22.28
CA LYS A 294 -10.16 11.06 22.54
C LYS A 294 -8.63 11.01 22.53
N ASN A 295 -8.06 10.05 23.24
CA ASN A 295 -6.61 9.90 23.37
C ASN A 295 -5.97 9.30 22.12
N ASN A 296 -6.83 8.98 21.14
CA ASN A 296 -6.58 8.32 19.84
C ASN A 296 -7.42 7.05 19.73
N GLU B 7 19.94 18.32 22.01
CA GLU B 7 21.37 18.43 22.28
C GLU B 7 22.10 17.14 21.93
N LYS B 8 21.35 16.04 21.91
CA LYS B 8 21.87 14.76 21.46
C LYS B 8 22.31 14.86 20.00
N LEU B 9 21.63 15.74 19.26
CA LEU B 9 21.87 15.93 17.84
C LEU B 9 23.14 16.73 17.55
N ARG B 10 23.51 17.58 18.49
CA ARG B 10 24.68 18.46 18.33
C ARG B 10 25.98 17.66 18.15
N SER B 11 25.95 16.38 18.50
CA SER B 11 27.12 15.51 18.39
C SER B 11 27.45 15.15 16.94
N ILE B 12 26.44 15.12 16.09
CA ILE B 12 26.60 14.62 14.73
C ILE B 12 26.76 15.72 13.70
N VAL B 13 25.94 16.76 13.81
CA VAL B 13 25.86 17.78 12.78
C VAL B 13 27.16 18.54 12.63
N SER B 14 27.42 19.01 11.41
CA SER B 14 28.64 19.72 11.14
C SER B 14 28.47 21.21 11.44
N VAL B 15 29.59 21.89 11.63
CA VAL B 15 29.61 23.34 11.64
C VAL B 15 29.63 23.80 10.19
N GLY B 16 29.04 24.96 9.92
CA GLY B 16 29.00 25.45 8.56
C GLY B 16 27.60 25.46 7.99
N ASP B 17 27.44 26.26 6.94
CA ASP B 17 26.15 26.48 6.30
C ASP B 17 26.05 25.61 5.06
N PRO B 18 25.12 24.63 5.06
CA PRO B 18 24.95 23.75 3.90
C PRO B 18 24.43 24.52 2.70
N LYS B 19 23.87 25.71 2.94
CA LYS B 19 23.44 26.55 1.82
C LYS B 19 24.63 27.15 1.09
N LYS B 20 25.79 27.14 1.73
CA LYS B 20 27.00 27.66 1.09
C LYS B 20 27.87 26.53 0.57
N LYS B 21 27.88 25.42 1.30
CA LYS B 21 28.76 24.30 0.98
C LYS B 21 28.29 23.48 -0.23
N TYR B 22 26.99 23.53 -0.53
CA TYR B 22 26.43 22.85 -1.70
C TYR B 22 25.73 23.82 -2.61
N THR B 23 25.59 23.44 -3.88
CA THR B 23 24.88 24.26 -4.84
C THR B 23 24.12 23.36 -5.81
N ARG B 24 23.41 23.99 -6.75
CA ARG B 24 22.58 23.27 -7.72
C ARG B 24 21.59 22.31 -7.07
N PHE B 25 20.84 22.80 -6.09
CA PHE B 25 19.79 21.97 -5.48
C PHE B 25 18.66 21.67 -6.47
N GLU B 26 18.33 20.39 -6.62
CA GLU B 26 17.21 19.96 -7.47
C GLU B 26 16.37 18.93 -6.74
N LYS B 27 15.07 19.23 -6.55
CA LYS B 27 14.18 18.28 -5.90
C LYS B 27 13.99 17.03 -6.76
N ILE B 28 14.12 15.85 -6.15
CA ILE B 28 13.89 14.62 -6.90
C ILE B 28 12.80 13.75 -6.28
N GLY B 29 12.16 14.25 -5.22
CA GLY B 29 11.06 13.52 -4.62
C GLY B 29 10.87 13.74 -3.13
N GLN B 30 9.76 13.21 -2.61
CA GLN B 30 9.45 13.30 -1.19
C GLN B 30 8.28 12.39 -0.83
N GLY B 31 7.76 12.57 0.37
CA GLY B 31 6.65 11.77 0.85
C GLY B 31 6.76 11.46 2.33
N ALA B 32 7.42 10.35 2.65
CA ALA B 32 7.53 9.88 4.02
C ALA B 32 8.51 10.71 4.85
N SER B 33 9.78 10.32 4.80
CA SER B 33 10.82 10.94 5.62
C SER B 33 10.91 12.45 5.44
N GLY B 34 10.93 12.89 4.18
CA GLY B 34 11.03 14.30 3.87
C GLY B 34 11.32 14.53 2.41
N THR B 35 11.81 15.72 2.08
CA THR B 35 12.13 16.07 0.69
C THR B 35 13.57 15.67 0.35
N VAL B 36 13.77 15.06 -0.81
CA VAL B 36 15.09 14.63 -1.22
C VAL B 36 15.59 15.52 -2.36
N TYR B 37 16.84 15.97 -2.23
CA TYR B 37 17.45 16.85 -3.21
C TYR B 37 18.75 16.26 -3.72
N THR B 38 19.07 16.56 -4.98
CA THR B 38 20.44 16.38 -5.44
C THR B 38 21.13 17.73 -5.38
N ALA B 39 22.43 17.72 -5.14
CA ALA B 39 23.20 18.94 -5.06
C ALA B 39 24.65 18.63 -5.32
N MET B 40 25.49 19.65 -5.35
CA MET B 40 26.90 19.45 -5.57
C MET B 40 27.73 20.17 -4.53
N ASP B 41 28.72 19.46 -3.98
CA ASP B 41 29.70 20.02 -3.04
C ASP B 41 30.55 21.06 -3.78
N VAL B 42 30.55 22.29 -3.26
CA VAL B 42 31.14 23.43 -3.98
C VAL B 42 32.67 23.37 -3.97
N ALA B 43 33.22 22.67 -2.97
CA ALA B 43 34.68 22.57 -2.85
C ALA B 43 35.25 21.36 -3.58
N THR B 44 34.48 20.28 -3.65
CA THR B 44 35.02 19.07 -4.26
C THR B 44 34.35 18.66 -5.57
N GLY B 45 33.17 19.21 -5.84
CA GLY B 45 32.41 18.77 -7.02
C GLY B 45 31.70 17.43 -6.88
N GLN B 46 31.72 16.84 -5.69
CA GLN B 46 31.00 15.58 -5.48
C GLN B 46 29.51 15.79 -5.55
N GLU B 47 28.80 14.94 -6.28
CA GLU B 47 27.34 14.98 -6.29
C GLU B 47 26.78 14.31 -5.04
N VAL B 48 25.79 14.94 -4.43
CA VAL B 48 25.25 14.40 -3.19
C VAL B 48 23.73 14.30 -3.27
N ALA B 49 23.18 13.49 -2.37
CA ALA B 49 21.75 13.41 -2.16
C ALA B 49 21.47 13.92 -0.76
N ILE B 50 20.51 14.82 -0.62
CA ILE B 50 20.22 15.41 0.67
C ILE B 50 18.76 15.20 1.04
N LYS B 51 18.54 14.53 2.17
CA LYS B 51 17.20 14.37 2.69
C LYS B 51 16.94 15.37 3.80
N GLN B 52 15.87 16.13 3.65
CA GLN B 52 15.47 17.13 4.64
C GLN B 52 14.28 16.64 5.45
N MET B 53 14.47 16.50 6.76
CA MET B 53 13.41 16.12 7.67
C MET B 53 13.13 17.20 8.68
N ASN B 54 11.90 17.21 9.20
CA ASN B 54 11.55 18.17 10.23
C ASN B 54 11.38 17.47 11.58
N LEU B 55 12.26 17.80 12.52
CA LEU B 55 12.26 17.17 13.83
C LEU B 55 11.03 17.52 14.68
N GLN B 56 10.54 18.76 14.56
CA GLN B 56 9.42 19.22 15.38
C GLN B 56 8.17 19.50 14.54
N GLN B 57 7.29 18.51 14.43
CA GLN B 57 7.45 17.27 15.18
C GLN B 57 7.12 16.01 14.38
N GLN B 58 8.09 15.11 14.32
CA GLN B 58 7.84 13.72 13.98
C GLN B 58 8.08 12.92 15.25
N PRO B 59 7.20 11.97 15.57
CA PRO B 59 7.48 11.14 16.74
C PRO B 59 8.71 10.26 16.50
N LYS B 60 9.30 9.74 17.57
CA LYS B 60 10.49 8.90 17.49
C LYS B 60 11.64 9.60 16.78
N LYS B 61 11.92 10.84 17.18
CA LYS B 61 13.05 11.59 16.66
C LYS B 61 14.36 11.00 17.19
N GLU B 62 14.29 10.38 18.37
CA GLU B 62 15.45 9.75 18.99
C GLU B 62 16.05 8.68 18.09
N LEU B 63 15.19 7.90 17.44
CA LEU B 63 15.62 6.83 16.54
C LEU B 63 16.46 7.40 15.41
N ILE B 64 16.01 8.52 14.85
CA ILE B 64 16.68 9.17 13.74
C ILE B 64 18.12 9.51 14.05
N ILE B 65 18.37 10.10 15.22
CA ILE B 65 19.73 10.47 15.59
C ILE B 65 20.63 9.25 15.75
N ASN B 66 20.16 8.25 16.49
CA ASN B 66 20.90 7.02 16.68
C ASN B 66 21.24 6.35 15.35
N GLU B 67 20.28 6.35 14.44
CA GLU B 67 20.47 5.79 13.10
C GLU B 67 21.62 6.47 12.37
N ILE B 68 21.67 7.79 12.43
CA ILE B 68 22.71 8.55 11.78
C ILE B 68 24.05 8.30 12.46
N LEU B 69 24.03 8.21 13.79
CA LEU B 69 25.19 7.79 14.57
C LEU B 69 25.72 6.44 14.12
N VAL B 70 24.83 5.49 13.90
CA VAL B 70 25.22 4.15 13.51
C VAL B 70 25.79 4.18 12.10
N MET B 71 25.13 4.93 11.25
CA MET B 71 25.49 5.04 9.85
C MET B 71 26.89 5.65 9.67
N ARG B 72 27.24 6.63 10.50
CA ARG B 72 28.56 7.25 10.37
C ARG B 72 29.68 6.33 10.85
N GLU B 73 29.37 5.47 11.81
CA GLU B 73 30.35 4.56 12.39
C GLU B 73 30.63 3.34 11.51
N ASN B 74 29.64 2.96 10.70
CA ASN B 74 29.69 1.66 10.05
C ASN B 74 29.54 1.75 8.54
N LYS B 75 30.45 2.47 7.89
CA LYS B 75 30.41 2.59 6.45
C LYS B 75 30.89 1.27 5.83
N ASN B 76 30.53 1.07 4.56
CA ASN B 76 30.88 -0.14 3.85
C ASN B 76 30.89 0.16 2.38
N PRO B 77 31.84 -0.43 1.63
CA PRO B 77 31.96 -0.11 0.20
C PRO B 77 30.69 -0.41 -0.60
N ASN B 78 29.87 -1.34 -0.14
CA ASN B 78 28.69 -1.70 -0.93
C ASN B 78 27.37 -1.17 -0.40
N ILE B 79 27.46 -0.14 0.44
CA ILE B 79 26.29 0.57 0.93
C ILE B 79 26.49 2.06 0.64
N VAL B 80 25.41 2.74 0.22
CA VAL B 80 25.50 4.16 -0.10
C VAL B 80 26.08 4.95 1.08
N ASN B 81 27.20 5.62 0.84
CA ASN B 81 27.96 6.26 1.91
C ASN B 81 27.26 7.48 2.51
N TYR B 82 27.20 7.51 3.84
CA TYR B 82 26.78 8.71 4.57
C TYR B 82 27.93 9.71 4.59
N LEU B 83 27.61 10.99 4.38
CA LEU B 83 28.65 12.01 4.27
C LEU B 83 28.67 12.99 5.43
N ASP B 84 27.53 13.64 5.66
CA ASP B 84 27.48 14.68 6.68
C ASP B 84 26.04 14.97 7.04
N SER B 85 25.82 15.74 8.09
CA SER B 85 24.49 16.23 8.40
C SER B 85 24.54 17.63 8.99
N TYR B 86 23.42 18.33 8.87
CA TYR B 86 23.30 19.72 9.29
C TYR B 86 21.95 19.96 9.94
N LEU B 87 21.94 20.73 11.03
CA LEU B 87 20.69 21.24 11.56
C LEU B 87 20.41 22.59 10.92
N VAL B 88 19.33 22.67 10.15
CA VAL B 88 18.97 23.90 9.44
C VAL B 88 17.62 24.40 9.95
N GLY B 89 17.67 25.35 10.88
CA GLY B 89 16.46 25.83 11.53
C GLY B 89 15.78 24.68 12.24
N ASP B 90 14.58 24.34 11.80
CA ASP B 90 13.84 23.24 12.42
C ASP B 90 14.19 21.91 11.78
N GLU B 91 14.78 21.98 10.59
CA GLU B 91 15.03 20.78 9.81
C GLU B 91 16.41 20.16 10.05
N LEU B 92 16.46 18.84 9.95
CA LEU B 92 17.72 18.12 9.90
C LEU B 92 18.01 17.71 8.45
N TRP B 93 19.19 18.04 7.94
CA TRP B 93 19.57 17.61 6.60
C TRP B 93 20.60 16.51 6.66
N VAL B 94 20.30 15.39 6.02
CA VAL B 94 21.22 14.27 5.96
C VAL B 94 21.80 14.20 4.54
N VAL B 95 23.12 14.34 4.44
CA VAL B 95 23.79 14.33 3.14
C VAL B 95 24.44 12.99 2.84
N MET B 96 24.04 12.39 1.71
CA MET B 96 24.56 11.10 1.27
C MET B 96 25.26 11.24 -0.08
N GLU B 97 26.17 10.33 -0.40
CA GLU B 97 26.75 10.36 -1.75
C GLU B 97 25.67 10.06 -2.77
N TYR B 98 25.77 10.67 -3.94
CA TYR B 98 24.81 10.42 -5.00
C TYR B 98 25.39 9.44 -6.03
N LEU B 99 24.62 8.42 -6.40
CA LEU B 99 25.08 7.47 -7.42
C LEU B 99 24.37 7.75 -8.74
N ALA B 100 25.11 8.24 -9.72
CA ALA B 100 24.50 8.83 -10.91
C ALA B 100 24.16 7.81 -11.99
N GLY B 101 24.46 6.54 -11.73
CA GLY B 101 24.18 5.51 -12.71
C GLY B 101 22.74 5.04 -12.65
N GLY B 102 21.99 5.53 -11.67
CA GLY B 102 20.59 5.17 -11.56
C GLY B 102 20.39 3.88 -10.79
N SER B 103 19.17 3.39 -10.78
CA SER B 103 18.84 2.14 -10.07
C SER B 103 19.01 0.96 -11.00
N LEU B 104 19.13 -0.22 -10.40
CA LEU B 104 19.25 -1.44 -11.18
C LEU B 104 17.96 -1.73 -11.97
N THR B 105 16.82 -1.25 -11.48
CA THR B 105 15.54 -1.48 -12.17
C THR B 105 15.60 -1.06 -13.65
N ASP B 106 16.17 0.11 -13.91
CA ASP B 106 16.21 0.65 -15.26
C ASP B 106 17.13 -0.16 -16.18
N VAL B 107 18.22 -0.66 -15.62
CA VAL B 107 19.11 -1.56 -16.35
C VAL B 107 18.39 -2.87 -16.69
N VAL B 108 17.65 -3.43 -15.73
CA VAL B 108 16.97 -4.71 -15.94
C VAL B 108 15.92 -4.60 -17.04
N THR B 109 15.19 -3.50 -17.07
CA THR B 109 14.08 -3.37 -18.03
C THR B 109 14.53 -2.89 -19.42
N GLU B 110 15.69 -2.27 -19.51
CA GLU B 110 16.09 -1.67 -20.79
C GLU B 110 17.25 -2.39 -21.48
N THR B 111 17.85 -3.35 -20.80
CA THR B 111 18.93 -4.17 -21.38
C THR B 111 18.66 -5.64 -21.12
N CYS B 112 19.30 -6.57 -21.81
CA CYS B 112 19.33 -7.92 -21.26
C CYS B 112 20.70 -8.27 -20.70
N MET B 113 20.77 -8.37 -19.39
CA MET B 113 22.03 -8.65 -18.69
C MET B 113 22.50 -10.06 -19.01
N ASP B 114 23.81 -10.25 -19.16
CA ASP B 114 24.30 -11.61 -19.31
C ASP B 114 24.64 -12.17 -17.93
N GLU B 115 24.87 -13.47 -17.85
CA GLU B 115 25.09 -14.13 -16.55
C GLU B 115 26.33 -13.59 -15.84
N GLY B 116 27.33 -13.17 -16.60
CA GLY B 116 28.50 -12.54 -16.01
C GLY B 116 28.23 -11.23 -15.28
N GLN B 117 27.37 -10.42 -15.88
CA GLN B 117 26.97 -9.15 -15.27
C GLN B 117 26.09 -9.40 -14.06
N ILE B 118 25.18 -10.37 -14.18
CA ILE B 118 24.32 -10.73 -13.06
C ILE B 118 25.13 -11.25 -11.86
N ALA B 119 26.13 -12.10 -12.15
CA ALA B 119 27.01 -12.62 -11.10
C ALA B 119 27.77 -11.49 -10.40
N ALA B 120 28.24 -10.51 -11.17
CA ALA B 120 28.93 -9.36 -10.61
C ALA B 120 28.03 -8.58 -9.63
N VAL B 121 26.79 -8.32 -10.04
CA VAL B 121 25.87 -7.57 -9.19
C VAL B 121 25.56 -8.41 -7.94
N CYS B 122 25.36 -9.72 -8.11
CA CYS B 122 25.01 -10.58 -6.97
C CYS B 122 26.14 -10.63 -5.95
N ARG B 123 27.37 -10.68 -6.44
CA ARG B 123 28.50 -10.67 -5.53
C ARG B 123 28.56 -9.38 -4.68
N GLU B 124 28.41 -8.23 -5.33
CA GLU B 124 28.49 -6.96 -4.61
C GLU B 124 27.37 -6.85 -3.59
N CYS B 125 26.18 -7.32 -3.95
CA CYS B 125 25.07 -7.32 -3.00
C CYS B 125 25.30 -8.25 -1.82
N LEU B 126 25.88 -9.41 -2.09
CA LEU B 126 26.20 -10.37 -1.04
C LEU B 126 27.29 -9.86 -0.12
N GLN B 127 28.24 -9.11 -0.65
CA GLN B 127 29.24 -8.48 0.21
C GLN B 127 28.59 -7.51 1.21
N ALA B 128 27.62 -6.72 0.74
CA ALA B 128 26.89 -5.83 1.61
C ALA B 128 26.08 -6.58 2.65
N LEU B 129 25.39 -7.63 2.23
CA LEU B 129 24.57 -8.44 3.12
C LEU B 129 25.40 -9.14 4.21
N GLU B 130 26.60 -9.62 3.86
CA GLU B 130 27.47 -10.25 4.86
C GLU B 130 27.79 -9.24 5.96
N PHE B 131 28.10 -8.02 5.55
CA PHE B 131 28.39 -6.94 6.47
C PHE B 131 27.20 -6.62 7.36
N LEU B 132 26.05 -6.35 6.76
CA LEU B 132 24.83 -6.06 7.53
C LEU B 132 24.46 -7.19 8.51
N HIS B 133 24.47 -8.43 8.03
CA HIS B 133 24.06 -9.55 8.86
C HIS B 133 25.07 -9.77 9.99
N SER B 134 26.33 -9.49 9.74
CA SER B 134 27.36 -9.62 10.78
C SER B 134 27.07 -8.66 11.94
N ASN B 135 26.45 -7.54 11.63
CA ASN B 135 26.07 -6.54 12.60
C ASN B 135 24.61 -6.65 13.04
N GLN B 136 24.01 -7.81 12.76
CA GLN B 136 22.63 -8.12 13.13
C GLN B 136 21.58 -7.18 12.53
N VAL B 137 21.84 -6.73 11.31
CA VAL B 137 20.91 -5.86 10.61
C VAL B 137 20.23 -6.65 9.49
N ILE B 138 18.91 -6.58 9.41
CA ILE B 138 18.18 -7.18 8.29
C ILE B 138 17.72 -6.07 7.35
N HIS B 139 18.02 -6.21 6.05
CA HIS B 139 17.68 -5.12 5.14
C HIS B 139 16.17 -5.05 4.90
N ARG B 140 15.58 -6.20 4.58
CA ARG B 140 14.15 -6.39 4.35
C ARG B 140 13.58 -5.94 3.02
N ASN B 141 14.31 -5.10 2.29
CA ASN B 141 13.83 -4.63 1.00
C ASN B 141 14.89 -4.73 -0.08
N ILE B 142 15.53 -5.89 -0.15
CA ILE B 142 16.45 -6.16 -1.24
C ILE B 142 15.63 -6.33 -2.52
N LYS B 143 15.62 -5.28 -3.34
CA LYS B 143 14.97 -5.33 -4.64
C LYS B 143 15.66 -4.37 -5.59
N SER B 144 15.40 -4.51 -6.89
CA SER B 144 16.17 -3.77 -7.89
C SER B 144 16.12 -2.24 -7.73
N ASP B 145 15.00 -1.68 -7.27
CA ASP B 145 14.98 -0.22 -7.18
C ASP B 145 15.73 0.32 -5.98
N ASN B 146 16.27 -0.58 -5.15
CA ASN B 146 17.12 -0.22 -4.00
C ASN B 146 18.58 -0.58 -4.19
N ILE B 147 18.92 -1.00 -5.40
CA ILE B 147 20.32 -1.22 -5.75
C ILE B 147 20.72 -0.03 -6.61
N LEU B 148 21.70 0.76 -6.18
CA LEU B 148 22.12 1.95 -6.92
C LEU B 148 23.47 1.73 -7.61
N LEU B 149 23.65 2.35 -8.77
CA LEU B 149 24.85 2.12 -9.58
C LEU B 149 25.68 3.38 -9.73
N GLY B 150 26.99 3.26 -9.54
CA GLY B 150 27.91 4.35 -9.80
C GLY B 150 28.35 4.37 -11.26
N MET B 151 28.88 5.50 -11.70
CA MET B 151 29.26 5.62 -13.11
C MET B 151 30.51 4.78 -13.46
N ASP B 152 31.21 4.27 -12.44
CA ASP B 152 32.29 3.32 -12.64
C ASP B 152 31.82 1.88 -12.53
N GLY B 153 30.51 1.69 -12.35
CA GLY B 153 29.95 0.36 -12.25
C GLY B 153 29.85 -0.14 -10.81
N SER B 154 30.10 0.75 -9.85
CA SER B 154 29.96 0.36 -8.46
C SER B 154 28.49 0.02 -8.16
N VAL B 155 28.32 -0.87 -7.19
CA VAL B 155 27.02 -1.43 -6.81
C VAL B 155 26.82 -1.24 -5.30
N LYS B 156 25.80 -0.47 -4.94
CA LYS B 156 25.57 -0.18 -3.51
C LYS B 156 24.12 -0.30 -3.10
N LEU B 157 23.89 -0.85 -1.91
CA LEU B 157 22.57 -0.90 -1.29
C LEU B 157 22.13 0.43 -0.70
N THR B 158 20.83 0.75 -0.79
CA THR B 158 20.24 1.86 -0.04
C THR B 158 18.88 1.43 0.53
N ASP B 159 18.22 2.37 1.20
CA ASP B 159 16.81 2.24 1.58
C ASP B 159 16.57 1.17 2.65
N PHE B 160 17.29 1.25 3.75
CA PHE B 160 17.01 0.40 4.91
C PHE B 160 17.19 1.17 6.21
N GLY B 161 17.00 0.46 7.31
CA GLY B 161 17.29 1.01 8.62
C GLY B 161 18.29 0.15 9.37
N PHE B 162 19.23 0.80 10.06
CA PHE B 162 20.15 0.12 10.95
C PHE B 162 19.48 -0.19 12.29
N GLN B 170 1.48 -2.31 8.49
CA GLN B 170 0.21 -2.16 7.76
C GLN B 170 -0.95 -2.79 8.53
N SER B 171 -2.00 -2.00 8.77
CA SER B 171 -3.18 -2.48 9.47
C SER B 171 -3.85 -3.63 8.74
N LYS B 172 -4.28 -4.64 9.48
CA LYS B 172 -5.08 -5.73 8.94
C LYS B 172 -6.36 -5.21 8.28
N ARG B 173 -6.78 -4.02 8.70
CA ARG B 173 -8.04 -3.44 8.23
C ARG B 173 -7.91 -2.77 6.86
N SER B 174 -6.66 -2.56 6.43
CA SER B 174 -6.39 -1.83 5.18
C SER B 174 -6.14 -2.74 4.00
N GLU B 175 -6.19 -2.16 2.80
CA GLU B 175 -6.02 -2.92 1.57
C GLU B 175 -4.56 -3.04 1.20
N MET B 176 -4.24 -4.11 0.49
CA MET B 176 -2.93 -4.27 -0.13
C MET B 176 -2.82 -3.41 -1.37
N VAL B 177 -1.79 -2.58 -1.44
CA VAL B 177 -1.59 -1.75 -2.63
C VAL B 177 -0.56 -2.36 -3.59
N GLY B 178 0.70 -2.42 -3.15
CA GLY B 178 1.74 -2.97 -3.99
C GLY B 178 1.87 -4.48 -3.81
N THR B 179 2.55 -5.13 -4.74
CA THR B 179 2.88 -6.53 -4.54
C THR B 179 4.30 -6.66 -3.97
N PRO B 180 4.43 -7.24 -2.77
CA PRO B 180 5.72 -7.41 -2.11
C PRO B 180 6.45 -8.63 -2.65
N TYR B 181 6.80 -8.56 -3.92
CA TYR B 181 7.22 -9.74 -4.65
C TYR B 181 8.57 -10.26 -4.17
N TRP B 182 9.34 -9.41 -3.48
CA TRP B 182 10.66 -9.80 -2.99
C TRP B 182 10.62 -10.54 -1.64
N MET B 183 9.45 -10.60 -1.02
CA MET B 183 9.40 -11.14 0.34
C MET B 183 9.44 -12.67 0.41
N ALA B 184 10.25 -13.18 1.34
CA ALA B 184 10.34 -14.62 1.63
C ALA B 184 9.03 -15.17 2.19
N PRO B 185 8.75 -16.48 1.97
CA PRO B 185 7.52 -17.09 2.48
C PRO B 185 7.33 -16.87 3.98
N GLU B 186 8.41 -16.94 4.75
CA GLU B 186 8.30 -16.85 6.20
C GLU B 186 7.93 -15.42 6.64
N VAL B 187 8.21 -14.45 5.77
CA VAL B 187 7.82 -13.07 6.05
C VAL B 187 6.33 -12.85 5.85
N VAL B 188 5.80 -13.36 4.74
CA VAL B 188 4.41 -13.09 4.42
C VAL B 188 3.47 -13.97 5.25
N THR B 189 3.99 -15.05 5.84
CA THR B 189 3.18 -15.86 6.73
C THR B 189 3.41 -15.35 8.16
N ARG B 190 3.98 -14.15 8.22
CA ARG B 190 4.20 -13.35 9.44
C ARG B 190 4.86 -14.13 10.58
N LYS B 191 5.72 -15.06 10.22
CA LYS B 191 6.50 -15.79 11.20
C LYS B 191 7.67 -14.92 11.65
N ALA B 192 8.30 -15.30 12.75
CA ALA B 192 9.57 -14.71 13.15
C ALA B 192 10.58 -15.07 12.08
N TYR B 193 11.39 -14.10 11.68
CA TYR B 193 12.34 -14.37 10.60
C TYR B 193 13.68 -13.73 10.87
N GLY B 194 14.69 -14.09 10.08
CA GLY B 194 16.03 -13.57 10.29
C GLY B 194 16.66 -13.03 9.02
N PRO B 195 17.99 -12.92 9.02
CA PRO B 195 18.77 -12.34 7.92
C PRO B 195 18.59 -13.07 6.59
N LYS B 196 18.20 -14.34 6.63
CA LYS B 196 18.10 -15.11 5.38
C LYS B 196 16.90 -14.71 4.52
N VAL B 197 16.00 -13.90 5.04
CA VAL B 197 14.97 -13.34 4.18
C VAL B 197 15.60 -12.43 3.12
N ASP B 198 16.74 -11.82 3.41
CA ASP B 198 17.43 -11.00 2.40
C ASP B 198 18.00 -11.86 1.28
N ILE B 199 18.44 -13.07 1.64
CA ILE B 199 19.01 -14.01 0.69
C ILE B 199 17.91 -14.47 -0.27
N TRP B 200 16.73 -14.74 0.28
CA TRP B 200 15.55 -14.98 -0.55
C TRP B 200 15.34 -13.83 -1.53
N SER B 201 15.29 -12.61 -1.01
CA SER B 201 15.06 -11.45 -1.87
C SER B 201 16.11 -11.34 -2.95
N LEU B 202 17.36 -11.66 -2.63
CA LEU B 202 18.43 -11.61 -3.63
C LEU B 202 18.19 -12.61 -4.77
N GLY B 203 17.70 -13.79 -4.40
CA GLY B 203 17.33 -14.79 -5.40
C GLY B 203 16.24 -14.28 -6.34
N ILE B 204 15.23 -13.66 -5.75
CA ILE B 204 14.15 -13.05 -6.50
C ILE B 204 14.72 -11.97 -7.43
N MET B 205 15.65 -11.17 -6.92
CA MET B 205 16.21 -10.13 -7.76
C MET B 205 17.03 -10.71 -8.94
N ALA B 206 17.71 -11.81 -8.71
CA ALA B 206 18.50 -12.45 -9.77
C ALA B 206 17.60 -12.98 -10.88
N ILE B 207 16.44 -13.50 -10.50
CA ILE B 207 15.45 -13.94 -11.47
C ILE B 207 14.94 -12.74 -12.27
N GLU B 208 14.63 -11.65 -11.57
CA GLU B 208 14.21 -10.39 -12.21
C GLU B 208 15.25 -9.92 -13.23
N MET B 209 16.53 -10.02 -12.87
CA MET B 209 17.59 -9.59 -13.77
C MET B 209 17.63 -10.41 -15.05
N ILE B 210 17.45 -11.72 -14.95
CA ILE B 210 17.55 -12.55 -16.17
C ILE B 210 16.21 -12.55 -16.95
N GLU B 211 15.09 -12.37 -16.25
CA GLU B 211 13.81 -12.34 -16.94
C GLU B 211 13.43 -10.94 -17.44
N GLY B 212 14.09 -9.92 -16.92
CA GLY B 212 13.86 -8.55 -17.38
C GLY B 212 12.68 -7.84 -16.74
N GLU B 213 12.06 -8.45 -15.74
CA GLU B 213 10.90 -7.89 -15.05
C GLU B 213 10.68 -8.64 -13.76
N PRO B 214 10.00 -8.01 -12.78
CA PRO B 214 9.77 -8.73 -11.51
C PRO B 214 8.70 -9.82 -11.65
N PRO B 215 8.78 -10.86 -10.82
CA PRO B 215 7.76 -11.91 -10.82
C PRO B 215 6.41 -11.37 -10.36
N TYR B 216 5.34 -12.10 -10.66
CA TYR B 216 3.98 -11.74 -10.25
C TYR B 216 3.46 -10.45 -10.87
N LEU B 217 4.01 -10.06 -12.01
CA LEU B 217 3.62 -8.80 -12.65
C LEU B 217 2.14 -8.83 -13.04
N ASN B 218 1.66 -10.02 -13.37
CA ASN B 218 0.26 -10.22 -13.72
C ASN B 218 -0.69 -10.13 -12.52
N GLU B 219 -0.28 -10.70 -11.39
CA GLU B 219 -1.17 -11.02 -10.28
C GLU B 219 -1.71 -9.84 -9.47
N ASN B 220 -2.94 -9.98 -8.98
CA ASN B 220 -3.41 -9.11 -7.92
C ASN B 220 -2.54 -9.34 -6.69
N PRO B 221 -2.36 -8.31 -5.85
CA PRO B 221 -1.50 -8.43 -4.67
C PRO B 221 -1.87 -9.60 -3.76
N LEU B 222 -3.16 -9.82 -3.51
CA LEU B 222 -3.57 -10.87 -2.59
C LEU B 222 -3.26 -12.25 -3.14
N ARG B 223 -3.45 -12.41 -4.45
CA ARG B 223 -3.10 -13.67 -5.10
C ARG B 223 -1.59 -13.92 -5.02
N ALA B 224 -0.80 -12.89 -5.30
CA ALA B 224 0.65 -13.02 -5.22
C ALA B 224 1.10 -13.38 -3.81
N LEU B 225 0.47 -12.76 -2.81
CA LEU B 225 0.70 -13.10 -1.41
C LEU B 225 0.51 -14.57 -1.14
N TYR B 226 -0.61 -15.12 -1.59
CA TYR B 226 -0.90 -16.52 -1.39
C TYR B 226 0.14 -17.40 -2.10
N LEU B 227 0.55 -16.98 -3.31
CA LEU B 227 1.51 -17.75 -4.10
C LEU B 227 2.88 -17.76 -3.41
N ILE B 228 3.32 -16.60 -2.93
CA ILE B 228 4.59 -16.50 -2.24
C ILE B 228 4.59 -17.41 -1.02
N ALA B 229 3.49 -17.34 -0.26
CA ALA B 229 3.35 -18.16 0.94
C ALA B 229 3.40 -19.66 0.66
N THR B 230 2.85 -20.08 -0.47
CA THR B 230 2.56 -21.48 -0.72
C THR B 230 3.37 -22.17 -1.81
N ASN B 231 3.99 -21.41 -2.70
CA ASN B 231 4.53 -22.00 -3.93
C ASN B 231 6.04 -22.16 -3.97
N GLY B 232 6.79 -21.18 -3.49
CA GLY B 232 8.25 -21.20 -3.55
C GLY B 232 8.82 -22.54 -3.15
N THR B 233 9.90 -23.03 -3.79
CA THR B 233 10.74 -22.33 -4.78
C THR B 233 10.05 -21.86 -6.07
N PRO B 234 10.22 -20.56 -6.40
CA PRO B 234 9.49 -19.80 -7.42
C PRO B 234 9.59 -20.31 -8.86
N GLU B 235 8.87 -19.62 -9.73
CA GLU B 235 8.46 -20.12 -11.04
C GLU B 235 9.30 -19.60 -12.20
N LEU B 236 10.37 -20.32 -12.53
CA LEU B 236 11.27 -19.90 -13.60
C LEU B 236 10.56 -19.91 -14.97
N GLN B 237 10.40 -18.72 -15.55
CA GLN B 237 9.65 -18.54 -16.79
C GLN B 237 10.17 -19.32 -18.00
N ASN B 238 11.30 -20.02 -17.88
CA ASN B 238 11.76 -20.83 -19.01
C ASN B 238 12.06 -22.30 -18.65
N PRO B 239 13.20 -22.65 -18.02
CA PRO B 239 14.52 -22.18 -17.60
C PRO B 239 15.69 -22.95 -18.24
N GLU B 240 15.45 -23.49 -19.43
CA GLU B 240 16.52 -24.12 -20.19
C GLU B 240 17.56 -23.06 -20.60
N LYS B 241 17.13 -21.80 -20.53
CA LYS B 241 17.96 -20.63 -20.83
C LYS B 241 19.06 -20.34 -19.81
N LEU B 242 18.93 -20.88 -18.60
CA LEU B 242 19.89 -20.61 -17.54
C LEU B 242 20.98 -21.67 -17.51
N SER B 243 22.20 -21.27 -17.19
CA SER B 243 23.27 -22.24 -17.04
C SER B 243 23.00 -23.09 -15.81
N ALA B 244 23.62 -24.27 -15.77
CA ALA B 244 23.48 -25.15 -14.60
C ALA B 244 23.95 -24.46 -13.33
N ILE B 245 25.02 -23.68 -13.41
CA ILE B 245 25.56 -23.11 -12.17
C ILE B 245 24.74 -21.90 -11.67
N PHE B 246 24.14 -21.15 -12.59
CA PHE B 246 23.22 -20.06 -12.23
C PHE B 246 21.96 -20.66 -11.61
N ARG B 247 21.44 -21.74 -12.20
CA ARG B 247 20.27 -22.42 -11.62
C ARG B 247 20.55 -22.95 -10.23
N ASP B 248 21.74 -23.49 -10.03
CA ASP B 248 22.10 -23.96 -8.69
C ASP B 248 22.15 -22.80 -7.69
N PHE B 249 22.72 -21.68 -8.08
CA PHE B 249 22.78 -20.50 -7.21
C PHE B 249 21.36 -20.04 -6.81
N LEU B 250 20.45 -19.97 -7.78
CA LEU B 250 19.06 -19.60 -7.47
C LEU B 250 18.42 -20.59 -6.48
N ASN B 251 18.63 -21.89 -6.69
CA ASN B 251 18.09 -22.88 -5.77
C ASN B 251 18.64 -22.74 -4.35
N ARG B 252 19.89 -22.29 -4.24
CA ARG B 252 20.48 -22.08 -2.93
C ARG B 252 19.89 -20.83 -2.23
N CYS B 253 19.49 -19.83 -3.00
CA CYS B 253 18.89 -18.59 -2.45
C CYS B 253 17.42 -18.75 -2.11
N LEU B 254 16.75 -19.63 -2.84
CA LEU B 254 15.29 -19.72 -2.83
C LEU B 254 14.80 -21.01 -2.17
N GLU B 255 15.61 -21.54 -1.26
CA GLU B 255 15.23 -22.71 -0.48
C GLU B 255 14.17 -22.32 0.55
N MET B 256 13.06 -23.04 0.58
CA MET B 256 12.01 -22.71 1.55
C MET B 256 12.42 -23.04 2.98
N ASP B 257 13.21 -24.10 3.16
CA ASP B 257 13.74 -24.42 4.48
C ASP B 257 14.78 -23.39 4.88
N VAL B 258 14.49 -22.58 5.89
CA VAL B 258 15.36 -21.48 6.27
C VAL B 258 16.76 -21.95 6.66
N GLU B 259 16.86 -23.06 7.39
CA GLU B 259 18.15 -23.62 7.77
C GLU B 259 19.00 -24.03 6.56
N LYS B 260 18.33 -24.60 5.55
CA LYS B 260 19.02 -25.10 4.35
C LYS B 260 19.39 -23.97 3.38
N ARG B 261 18.63 -22.88 3.43
CA ARG B 261 18.91 -21.71 2.57
C ARG B 261 20.29 -21.15 2.89
N GLY B 262 21.02 -20.73 1.87
CA GLY B 262 22.35 -20.19 2.08
C GLY B 262 22.41 -18.93 2.93
N SER B 263 23.51 -18.75 3.65
CA SER B 263 23.81 -17.48 4.28
C SER B 263 24.61 -16.61 3.31
N ALA B 264 24.80 -15.34 3.64
CA ALA B 264 25.57 -14.46 2.77
C ALA B 264 27.01 -14.93 2.70
N LYS B 265 27.56 -15.22 3.87
CA LYS B 265 28.93 -15.74 3.96
C LYS B 265 29.11 -17.00 3.13
N GLU B 266 28.14 -17.92 3.20
CA GLU B 266 28.22 -19.16 2.43
C GLU B 266 28.13 -18.88 0.93
N LEU B 267 27.18 -18.06 0.53
CA LEU B 267 26.97 -17.84 -0.91
C LEU B 267 28.09 -17.04 -1.56
N LEU B 268 28.84 -16.28 -0.77
CA LEU B 268 29.98 -15.56 -1.32
C LEU B 268 31.02 -16.54 -1.88
N GLN B 269 30.93 -17.80 -1.46
CA GLN B 269 31.81 -18.88 -1.97
C GLN B 269 31.22 -19.64 -3.17
N HIS B 270 29.99 -19.32 -3.56
CA HIS B 270 29.36 -20.10 -4.63
C HIS B 270 30.07 -19.93 -5.99
N GLN B 271 30.14 -21.02 -6.76
CA GLN B 271 30.89 -21.01 -8.03
C GLN B 271 30.31 -20.04 -9.04
N PHE B 272 29.01 -19.79 -8.96
CA PHE B 272 28.38 -18.85 -9.89
C PHE B 272 29.02 -17.46 -9.85
N LEU B 273 29.39 -16.99 -8.65
CA LEU B 273 30.01 -15.67 -8.54
C LEU B 273 31.37 -15.59 -9.24
N LYS B 274 31.98 -16.74 -9.49
CA LYS B 274 33.29 -16.77 -10.11
C LYS B 274 33.25 -16.56 -11.61
N ILE B 275 32.06 -16.53 -12.21
CA ILE B 275 32.02 -16.08 -13.60
C ILE B 275 31.76 -14.57 -13.71
N ALA B 276 31.80 -13.87 -12.59
CA ALA B 276 31.48 -12.43 -12.59
C ALA B 276 32.43 -11.65 -13.51
N LYS B 277 31.85 -10.78 -14.32
CA LYS B 277 32.63 -9.85 -15.11
C LYS B 277 33.10 -8.70 -14.23
N PRO B 278 34.13 -7.95 -14.69
CA PRO B 278 34.56 -6.78 -13.92
C PRO B 278 33.42 -5.78 -13.85
N LEU B 279 33.38 -4.94 -12.82
CA LEU B 279 32.25 -4.03 -12.68
C LEU B 279 32.18 -3.00 -13.82
N SER B 280 33.30 -2.82 -14.52
CA SER B 280 33.31 -1.93 -15.67
C SER B 280 32.29 -2.39 -16.74
N SER B 281 32.01 -3.69 -16.75
CA SER B 281 31.06 -4.27 -17.70
C SER B 281 29.62 -3.78 -17.48
N LEU B 282 29.35 -3.12 -16.35
CA LEU B 282 28.00 -2.61 -16.11
C LEU B 282 27.77 -1.22 -16.70
N THR B 283 28.86 -0.50 -16.96
CA THR B 283 28.73 0.86 -17.42
C THR B 283 28.09 0.98 -18.82
N PRO B 284 28.35 0.01 -19.74
CA PRO B 284 27.57 0.11 -20.98
C PRO B 284 26.09 -0.12 -20.76
N LEU B 285 25.72 -0.90 -19.72
CA LEU B 285 24.31 -1.11 -19.42
C LEU B 285 23.68 0.18 -18.90
N ILE B 286 24.43 0.92 -18.09
CA ILE B 286 23.99 2.22 -17.61
C ILE B 286 23.78 3.21 -18.76
N ALA B 287 24.71 3.22 -19.71
CA ALA B 287 24.56 4.04 -20.89
C ALA B 287 23.29 3.70 -21.66
N ALA B 288 23.01 2.40 -21.83
CA ALA B 288 21.79 1.98 -22.53
C ALA B 288 20.52 2.40 -21.80
N ALA B 289 20.48 2.13 -20.50
CA ALA B 289 19.32 2.50 -19.69
C ALA B 289 19.03 4.00 -19.79
N LYS B 290 20.08 4.81 -19.70
CA LYS B 290 19.93 6.26 -19.78
C LYS B 290 19.39 6.70 -21.15
N GLU B 291 19.92 6.10 -22.21
CA GLU B 291 19.48 6.41 -23.57
C GLU B 291 18.02 6.02 -23.76
N ALA B 292 17.63 4.87 -23.22
CA ALA B 292 16.30 4.32 -23.44
C ALA B 292 15.23 5.15 -22.73
N THR B 293 15.59 5.70 -21.58
CA THR B 293 14.63 6.50 -20.82
C THR B 293 14.48 7.86 -21.49
N LYS B 294 15.53 8.68 -21.44
CA LYS B 294 15.51 9.95 -22.17
C LYS B 294 16.82 10.22 -22.89
#